data_3GN3
#
_entry.id   3GN3
#
_cell.length_a   151.968
_cell.length_b   151.968
_cell.length_c   115.894
_cell.angle_alpha   90.00
_cell.angle_beta   90.00
_cell.angle_gamma   120.00
#
_symmetry.space_group_name_H-M   'P 61 2 2'
#
loop_
_entity.id
_entity.type
_entity.pdbx_description
1 polymer 'putative protein-disulfide isomerase'
2 non-polymer 'SULFATE ION'
3 non-polymer GLYCEROL
4 water water
#
_entity_poly.entity_id   1
_entity_poly.type   'polypeptide(L)'
_entity_poly.pdbx_seq_one_letter_code
;SNAMHSDALSWGHGPRLFEVFLEPTCPFSVKAFFKLDDLLAQAGEDNVTVRIRLQSQPWHMFSGVIVRCILAAATLEGGK
ESAKAVMTAVASHREEFEFEHHAGGPNLDATPNDIIARIERYSGLALAEAFANPELEHAVKWHTKYARQNGIHVSPTFMI
NGLVQPGMSSGDPVSKWVSDIG
;
_entity_poly.pdbx_strand_id   A,B
#
loop_
_chem_comp.id
_chem_comp.type
_chem_comp.name
_chem_comp.formula
GOL non-polymer GLYCEROL 'C3 H8 O3'
SO4 non-polymer 'SULFATE ION' 'O4 S -2'
#
# COMPACT_ATOMS: atom_id res chain seq x y z
N MET A 4 13.31 17.99 4.48
CA MET A 4 13.08 16.90 5.47
C MET A 4 11.63 16.39 5.44
N HIS A 5 11.44 15.22 4.81
CA HIS A 5 10.13 14.55 4.81
C HIS A 5 9.68 14.21 6.22
N SER A 6 10.63 13.85 7.07
CA SER A 6 10.37 13.36 8.43
C SER A 6 9.62 14.30 9.38
N ASP A 7 9.51 15.58 9.04
CA ASP A 7 8.78 16.50 9.92
C ASP A 7 7.87 17.56 9.28
N ALA A 8 7.34 17.31 8.09
CA ALA A 8 6.35 18.24 7.55
C ALA A 8 5.10 18.22 8.44
N LEU A 9 4.53 17.03 8.61
CA LEU A 9 3.25 16.88 9.27
C LEU A 9 3.46 16.85 10.79
N SER A 10 3.88 17.98 11.33
CA SER A 10 4.34 18.06 12.70
C SER A 10 3.79 19.29 13.44
N TRP A 11 3.36 19.13 14.68
CA TRP A 11 2.79 20.21 15.47
C TRP A 11 3.24 20.08 16.91
N GLY A 12 3.35 21.23 17.58
CA GLY A 12 3.80 21.26 18.96
C GLY A 12 5.30 21.28 18.91
N HIS A 13 5.94 21.51 20.05
CA HIS A 13 7.39 21.60 20.08
C HIS A 13 7.94 20.99 21.36
N GLY A 14 7.15 20.17 22.04
CA GLY A 14 7.59 19.49 23.27
C GLY A 14 8.57 18.36 23.01
N PRO A 15 9.24 17.87 24.09
CA PRO A 15 10.27 16.85 23.93
C PRO A 15 9.75 15.39 23.86
N ARG A 16 8.52 15.14 24.29
CA ARG A 16 7.93 13.83 24.14
C ARG A 16 7.29 13.71 22.75
N LEU A 17 7.77 12.75 21.94
CA LEU A 17 7.32 12.59 20.57
C LEU A 17 6.20 11.59 20.40
N PHE A 18 5.07 12.07 19.87
CA PHE A 18 3.88 11.27 19.69
C PHE A 18 3.62 11.09 18.21
N GLU A 19 3.86 9.89 17.69
CA GLU A 19 3.68 9.65 16.25
C GLU A 19 2.46 8.78 16.02
N VAL A 20 1.63 9.18 15.06
CA VAL A 20 0.41 8.45 14.76
C VAL A 20 0.35 8.13 13.29
N PHE A 21 0.17 6.85 12.98
CA PHE A 21 0.11 6.35 11.62
C PHE A 21 -1.33 6.28 11.21
N LEU A 22 -1.68 7.00 10.15
CA LEU A 22 -3.06 7.13 9.76
C LEU A 22 -3.28 6.76 8.29
N GLU A 23 -4.31 5.96 8.05
CA GLU A 23 -4.83 5.76 6.71
C GLU A 23 -5.99 6.76 6.54
N PRO A 24 -5.87 7.71 5.60
CA PRO A 24 -6.83 8.83 5.49
C PRO A 24 -8.29 8.44 5.29
N THR A 25 -8.55 7.23 4.78
CA THR A 25 -9.94 6.78 4.57
C THR A 25 -10.34 5.64 5.50
N CYS A 26 -9.60 5.46 6.60
CA CYS A 26 -9.91 4.39 7.54
C CYS A 26 -10.75 4.94 8.70
N PRO A 27 -11.86 4.27 9.03
CA PRO A 27 -12.80 4.81 10.05
C PRO A 27 -12.14 5.07 11.41
N PHE A 28 -11.27 4.14 11.84
CA PHE A 28 -10.59 4.25 13.12
C PHE A 28 -9.57 5.36 13.09
N SER A 29 -8.91 5.49 11.92
CA SER A 29 -7.93 6.55 11.69
C SER A 29 -8.58 7.92 11.81
N VAL A 30 -9.71 8.09 11.11
CA VAL A 30 -10.52 9.32 11.16
C VAL A 30 -10.89 9.71 12.61
N LYS A 31 -11.42 8.75 13.36
CA LYS A 31 -11.71 8.91 14.77
C LYS A 31 -10.47 9.45 15.53
N ALA A 32 -9.31 8.81 15.37
CA ALA A 32 -8.10 9.31 16.04
C ALA A 32 -7.67 10.68 15.50
N PHE A 33 -7.88 10.88 14.20
CA PHE A 33 -7.47 12.12 13.56
C PHE A 33 -8.19 13.33 14.19
N PHE A 34 -9.51 13.23 14.27
CA PHE A 34 -10.32 14.23 14.95
C PHE A 34 -10.07 14.40 16.47
N LYS A 35 -9.13 13.64 17.05
CA LYS A 35 -8.79 13.84 18.45
C LYS A 35 -7.43 14.50 18.63
N LEU A 36 -6.72 14.74 17.54
CA LEU A 36 -5.36 15.25 17.67
C LEU A 36 -5.29 16.71 18.14
N ASP A 37 -6.31 17.51 17.80
CA ASP A 37 -6.40 18.89 18.32
C ASP A 37 -6.53 18.90 19.84
N ASP A 38 -7.50 18.15 20.38
CA ASP A 38 -7.63 17.99 21.83
C ASP A 38 -6.34 17.50 22.43
N LEU A 39 -5.77 16.48 21.81
CA LEU A 39 -4.56 15.90 22.36
C LEU A 39 -3.49 16.96 22.61
N LEU A 40 -3.20 17.76 21.60
CA LEU A 40 -2.20 18.80 21.67
C LEU A 40 -2.56 19.87 22.74
N ALA A 41 -3.81 20.32 22.72
CA ALA A 41 -4.38 21.22 23.73
C ALA A 41 -4.23 20.68 25.16
N GLN A 42 -4.63 19.43 25.37
CA GLN A 42 -4.58 18.81 26.68
C GLN A 42 -3.20 18.38 27.10
N ALA A 43 -2.40 17.82 26.18
CA ALA A 43 -1.03 17.44 26.53
C ALA A 43 -0.12 18.66 26.68
N GLY A 44 -0.34 19.67 25.82
CA GLY A 44 0.43 20.92 25.85
C GLY A 44 1.57 20.96 24.83
N GLU A 45 1.60 21.99 24.00
CA GLU A 45 2.65 22.15 22.99
C GLU A 45 4.04 22.30 23.52
N ASP A 46 4.14 22.56 24.82
CA ASP A 46 5.43 22.67 25.50
C ASP A 46 5.94 21.30 25.91
N ASN A 47 5.03 20.32 25.97
CA ASN A 47 5.35 18.96 26.40
C ASN A 47 5.52 17.90 25.29
N VAL A 48 4.78 18.06 24.20
CA VAL A 48 4.74 17.05 23.17
C VAL A 48 4.94 17.64 21.81
N THR A 49 5.40 16.77 20.90
CA THR A 49 5.30 17.00 19.47
C THR A 49 4.41 15.89 18.89
N VAL A 50 3.41 16.28 18.11
CA VAL A 50 2.53 15.33 17.44
C VAL A 50 2.91 15.29 15.95
N ARG A 51 3.22 14.11 15.44
CA ARG A 51 3.46 13.94 13.99
C ARG A 51 2.54 12.89 13.39
N ILE A 52 1.96 13.23 12.25
CA ILE A 52 1.23 12.30 11.42
C ILE A 52 2.16 11.60 10.41
N ARG A 53 2.06 10.27 10.32
CA ARG A 53 2.68 9.52 9.22
C ARG A 53 1.55 8.85 8.48
N LEU A 54 1.70 8.74 7.16
CA LEU A 54 0.63 8.22 6.33
C LEU A 54 0.81 6.72 6.09
N GLN A 55 -0.16 5.95 6.56
CA GLN A 55 -0.14 4.50 6.45
C GLN A 55 -1.11 4.13 5.35
N SER A 56 -0.61 4.04 4.12
CA SER A 56 -1.45 3.69 2.98
C SER A 56 -1.84 2.20 2.99
N GLN A 57 -3.13 1.88 3.09
CA GLN A 57 -3.56 0.48 3.15
C GLN A 57 -4.04 -0.01 1.78
N PRO A 58 -3.41 -1.08 1.23
CA PRO A 58 -3.71 -1.54 -0.15
C PRO A 58 -5.14 -2.02 -0.33
N TRP A 59 -5.80 -2.42 0.76
CA TRP A 59 -7.23 -2.75 0.66
C TRP A 59 -8.14 -1.52 0.66
N HIS A 60 -7.57 -0.33 0.90
CA HIS A 60 -8.26 0.94 0.62
C HIS A 60 -7.78 1.43 -0.78
N MET A 61 -8.51 1.06 -1.83
CA MET A 61 -7.97 1.10 -3.22
C MET A 61 -7.64 2.48 -3.80
N PHE A 62 -8.25 3.53 -3.27
CA PHE A 62 -7.85 4.87 -3.69
C PHE A 62 -6.85 5.53 -2.75
N SER A 63 -6.24 4.74 -1.87
CA SER A 63 -5.34 5.29 -0.87
C SER A 63 -4.14 5.99 -1.49
N GLY A 64 -3.54 5.36 -2.49
CA GLY A 64 -2.36 5.94 -3.16
C GLY A 64 -2.62 7.31 -3.79
N VAL A 65 -3.78 7.47 -4.40
CA VAL A 65 -4.19 8.74 -4.98
C VAL A 65 -4.32 9.75 -3.83
N ILE A 66 -5.11 9.37 -2.82
CA ILE A 66 -5.41 10.24 -1.70
C ILE A 66 -4.17 10.62 -0.89
N VAL A 67 -3.31 9.65 -0.61
CA VAL A 67 -2.06 9.96 0.12
C VAL A 67 -1.20 10.95 -0.68
N ARG A 68 -1.09 10.73 -1.99
CA ARG A 68 -0.36 11.66 -2.87
C ARG A 68 -0.95 13.09 -2.78
N CYS A 69 -2.28 13.22 -2.82
CA CYS A 69 -2.94 14.50 -2.62
C CYS A 69 -2.56 15.19 -1.33
N ILE A 70 -2.49 14.41 -0.25
CA ILE A 70 -2.16 14.98 1.05
C ILE A 70 -0.75 15.54 1.00
N LEU A 71 0.16 14.75 0.46
CA LEU A 71 1.54 15.18 0.40
C LEU A 71 1.74 16.29 -0.64
N ALA A 72 0.90 16.30 -1.68
CA ALA A 72 0.84 17.41 -2.64
C ALA A 72 0.44 18.71 -1.95
N ALA A 73 -0.60 18.66 -1.12
CA ALA A 73 -1.04 19.82 -0.31
C ALA A 73 0.08 20.37 0.55
N ALA A 74 0.91 19.50 1.12
CA ALA A 74 1.99 19.93 1.99
C ALA A 74 3.02 20.76 1.26
N THR A 75 2.94 20.80 -0.08
CA THR A 75 3.91 21.56 -0.91
C THR A 75 3.41 22.96 -1.27
N LEU A 76 2.10 23.18 -1.21
CA LEU A 76 1.48 24.51 -1.31
C LEU A 76 2.00 25.49 -0.23
N GLU A 77 1.64 26.77 -0.37
CA GLU A 77 2.09 27.80 0.62
C GLU A 77 1.67 27.50 2.09
N GLY A 78 0.45 26.98 2.28
CA GLY A 78 -0.01 26.63 3.62
C GLY A 78 0.57 25.39 4.28
N GLY A 79 1.49 24.69 3.60
CA GLY A 79 2.13 23.47 4.10
C GLY A 79 1.24 22.44 4.81
N LYS A 80 1.62 22.15 6.05
CA LYS A 80 0.95 21.16 6.86
C LYS A 80 -0.52 21.53 7.13
N GLU A 81 -0.83 22.82 7.13
CA GLU A 81 -2.21 23.25 7.33
C GLU A 81 -3.10 22.89 6.14
N SER A 82 -2.52 22.96 4.94
CA SER A 82 -3.21 22.57 3.69
C SER A 82 -3.34 21.06 3.58
N ALA A 83 -2.27 20.35 3.95
CA ALA A 83 -2.34 18.89 4.08
C ALA A 83 -3.43 18.51 5.10
N LYS A 84 -3.45 19.22 6.23
CA LYS A 84 -4.47 18.99 7.25
C LYS A 84 -5.87 19.26 6.70
N ALA A 85 -6.02 20.36 5.96
CA ALA A 85 -7.27 20.64 5.24
C ALA A 85 -7.70 19.45 4.36
N VAL A 86 -6.77 18.90 3.57
CA VAL A 86 -7.08 17.74 2.72
C VAL A 86 -7.48 16.49 3.54
N MET A 87 -6.72 16.18 4.59
CA MET A 87 -7.09 15.06 5.51
C MET A 87 -8.48 15.27 6.11
N THR A 88 -8.75 16.50 6.57
CA THR A 88 -10.07 16.85 7.10
C THR A 88 -11.19 16.65 6.08
N ALA A 89 -10.96 17.09 4.84
CA ALA A 89 -11.99 16.94 3.80
C ALA A 89 -12.28 15.47 3.50
N VAL A 90 -11.22 14.66 3.43
CA VAL A 90 -11.37 13.21 3.20
C VAL A 90 -12.07 12.58 4.42
N ALA A 91 -11.54 12.86 5.61
CA ALA A 91 -12.10 12.36 6.87
C ALA A 91 -13.61 12.63 7.01
N SER A 92 -14.04 13.89 6.77
CA SER A 92 -15.46 14.28 6.83
C SER A 92 -16.36 13.56 5.84
N HIS A 93 -15.82 13.22 4.67
CA HIS A 93 -16.58 12.51 3.65
C HIS A 93 -15.93 11.15 3.39
N ARG A 94 -15.52 10.47 4.47
CA ARG A 94 -14.73 9.25 4.38
C ARG A 94 -15.35 8.24 3.43
N GLU A 95 -16.61 7.96 3.66
CA GLU A 95 -17.29 6.95 2.89
C GLU A 95 -17.20 7.21 1.39
N GLU A 96 -17.22 8.47 0.98
CA GLU A 96 -17.18 8.83 -0.44
C GLU A 96 -15.83 8.59 -1.09
N PHE A 97 -14.81 8.32 -0.28
CA PHE A 97 -13.49 8.07 -0.82
C PHE A 97 -13.08 6.61 -0.55
N GLU A 98 -14.06 5.73 -0.35
CA GLU A 98 -13.76 4.33 -0.10
C GLU A 98 -14.68 3.43 -0.91
N PHE A 99 -14.69 2.13 -0.60
CA PHE A 99 -15.45 1.18 -1.40
C PHE A 99 -16.27 0.28 -0.47
N GLU A 100 -17.52 0.00 -0.84
CA GLU A 100 -18.34 -0.87 0.00
C GLU A 100 -17.63 -2.22 0.13
N HIS A 101 -17.42 -2.64 1.38
CA HIS A 101 -16.66 -3.85 1.71
C HIS A 101 -15.27 -3.88 1.05
N HIS A 102 -14.65 -2.71 0.93
CA HIS A 102 -13.38 -2.54 0.21
C HIS A 102 -13.42 -3.20 -1.18
N ALA A 103 -14.59 -3.26 -1.81
CA ALA A 103 -14.76 -4.02 -3.05
C ALA A 103 -15.59 -3.29 -4.10
N GLY A 104 -16.71 -2.70 -3.68
CA GLY A 104 -17.68 -2.15 -4.62
C GLY A 104 -18.21 -0.74 -4.36
N GLY A 105 -19.31 -0.41 -5.03
CA GLY A 105 -19.94 0.90 -4.96
C GLY A 105 -19.51 1.85 -6.06
N PRO A 106 -20.08 3.07 -6.05
CA PRO A 106 -19.80 4.08 -7.09
C PRO A 106 -18.32 4.34 -7.42
N ASN A 107 -17.39 4.07 -6.51
CA ASN A 107 -15.99 4.44 -6.80
C ASN A 107 -15.30 3.50 -7.79
N LEU A 108 -15.95 2.37 -8.08
CA LEU A 108 -15.56 1.51 -9.18
C LEU A 108 -15.59 2.26 -10.52
N ASP A 109 -16.41 3.31 -10.59
CA ASP A 109 -16.56 4.08 -11.79
C ASP A 109 -15.97 5.47 -11.71
N ALA A 110 -15.10 5.71 -10.72
CA ALA A 110 -14.38 6.98 -10.62
C ALA A 110 -12.93 6.85 -11.03
N THR A 111 -12.33 7.96 -11.39
CA THR A 111 -10.95 7.98 -11.87
C THR A 111 -10.06 8.70 -10.88
N PRO A 112 -8.74 8.47 -10.94
CA PRO A 112 -7.86 9.31 -10.14
C PRO A 112 -8.21 10.80 -10.25
N ASN A 113 -8.54 11.27 -11.45
CA ASN A 113 -8.91 12.68 -11.64
C ASN A 113 -10.23 13.06 -10.97
N ASP A 114 -11.20 12.14 -10.95
CA ASP A 114 -12.44 12.35 -10.17
C ASP A 114 -12.17 12.57 -8.67
N ILE A 115 -11.36 11.68 -8.10
CA ILE A 115 -10.91 11.74 -6.70
C ILE A 115 -10.18 13.06 -6.39
N ILE A 116 -9.29 13.45 -7.28
CA ILE A 116 -8.56 14.71 -7.08
C ILE A 116 -9.49 15.94 -7.09
N ALA A 117 -10.38 15.99 -8.07
CA ALA A 117 -11.39 17.05 -8.18
C ALA A 117 -12.27 17.12 -6.92
N ARG A 118 -12.71 15.95 -6.45
CA ARG A 118 -13.51 15.77 -5.23
C ARG A 118 -12.83 16.34 -3.97
N ILE A 119 -11.55 16.01 -3.78
CA ILE A 119 -10.78 16.57 -2.67
C ILE A 119 -10.60 18.08 -2.84
N GLU A 120 -10.41 18.52 -4.07
CA GLU A 120 -10.31 19.96 -4.36
C GLU A 120 -11.57 20.71 -3.95
N ARG A 121 -12.73 20.20 -4.38
CA ARG A 121 -14.03 20.74 -3.99
C ARG A 121 -14.14 20.96 -2.49
N TYR A 122 -13.98 19.85 -1.77
CA TYR A 122 -14.23 19.74 -0.34
C TYR A 122 -13.22 20.47 0.52
N SER A 123 -11.97 20.55 0.05
CA SER A 123 -10.95 21.27 0.81
C SER A 123 -10.84 22.72 0.34
N GLY A 124 -11.41 23.02 -0.84
CA GLY A 124 -11.19 24.31 -1.50
C GLY A 124 -9.73 24.60 -1.83
N LEU A 125 -8.95 23.55 -2.13
CA LEU A 125 -7.55 23.75 -2.55
C LEU A 125 -7.35 23.25 -3.98
N ALA A 126 -6.40 23.87 -4.68
CA ALA A 126 -6.05 23.47 -6.04
C ALA A 126 -4.87 22.51 -5.92
N LEU A 127 -5.07 21.27 -6.35
CA LEU A 127 -4.08 20.22 -6.07
C LEU A 127 -3.44 19.58 -7.31
N ALA A 128 -4.23 19.47 -8.38
CA ALA A 128 -3.82 18.82 -9.64
C ALA A 128 -2.40 19.16 -10.03
N GLU A 129 -2.10 20.44 -10.15
CA GLU A 129 -0.75 20.79 -10.58
C GLU A 129 0.29 20.20 -9.65
N ALA A 130 0.15 20.48 -8.35
CA ALA A 130 1.08 19.98 -7.33
C ALA A 130 1.17 18.46 -7.31
N PHE A 131 0.04 17.80 -7.54
CA PHE A 131 -0.06 16.35 -7.64
C PHE A 131 0.83 15.78 -8.74
N ALA A 132 0.99 16.54 -9.83
CA ALA A 132 1.77 16.14 -11.00
C ALA A 132 3.29 16.27 -10.80
N ASN A 133 3.72 17.04 -9.82
CA ASN A 133 5.16 17.17 -9.51
C ASN A 133 5.82 15.79 -9.32
N PRO A 134 6.77 15.42 -10.22
CA PRO A 134 7.31 14.06 -10.15
C PRO A 134 8.20 13.82 -8.95
N GLU A 135 8.69 14.89 -8.31
CA GLU A 135 9.49 14.74 -7.09
C GLU A 135 8.68 14.22 -5.88
N LEU A 136 7.36 14.24 -6.00
CA LEU A 136 6.44 13.92 -4.91
C LEU A 136 6.38 12.43 -4.54
N GLU A 137 6.80 11.55 -5.45
CA GLU A 137 6.92 10.11 -5.18
C GLU A 137 7.81 9.84 -3.98
N HIS A 138 8.81 10.70 -3.78
CA HIS A 138 9.74 10.53 -2.66
C HIS A 138 9.11 10.71 -1.29
N ALA A 139 8.19 11.65 -1.16
CA ALA A 139 7.43 11.84 0.09
C ALA A 139 6.58 10.61 0.37
N VAL A 140 5.81 10.17 -0.62
CA VAL A 140 5.07 8.90 -0.55
C VAL A 140 5.98 7.72 -0.16
N LYS A 141 7.16 7.64 -0.79
CA LYS A 141 8.12 6.58 -0.46
C LYS A 141 8.61 6.69 0.96
N TRP A 142 8.85 7.93 1.42
CA TRP A 142 9.41 8.14 2.76
C TRP A 142 8.48 7.60 3.86
N HIS A 143 7.20 7.98 3.79
CA HIS A 143 6.19 7.51 4.74
C HIS A 143 6.09 6.00 4.74
N THR A 144 5.96 5.42 3.56
CA THR A 144 5.84 3.99 3.41
C THR A 144 7.06 3.25 3.96
N LYS A 145 8.24 3.70 3.54
CA LYS A 145 9.49 3.15 4.01
C LYS A 145 9.62 3.22 5.56
N TYR A 146 9.20 4.35 6.15
CA TYR A 146 9.34 4.56 7.58
C TYR A 146 8.37 3.64 8.33
N ALA A 147 7.13 3.57 7.81
CA ALA A 147 6.09 2.68 8.31
C ALA A 147 6.55 1.22 8.32
N ARG A 148 6.93 0.74 7.13
CA ARG A 148 7.50 -0.60 6.97
C ARG A 148 8.68 -0.91 7.90
N GLN A 149 9.62 0.02 8.06
CA GLN A 149 10.79 -0.23 8.94
C GLN A 149 10.35 -0.43 10.40
N ASN A 150 9.28 0.27 10.76
CA ASN A 150 8.74 0.17 12.11
C ASN A 150 7.69 -0.94 12.28
N GLY A 151 7.35 -1.62 11.18
CA GLY A 151 6.42 -2.73 11.18
C GLY A 151 4.98 -2.32 11.40
N ILE A 152 4.64 -1.10 11.03
CA ILE A 152 3.27 -0.63 11.18
C ILE A 152 2.40 -1.41 10.22
N HIS A 153 1.22 -1.84 10.67
CA HIS A 153 0.26 -2.52 9.82
C HIS A 153 -1.14 -1.96 10.08
N VAL A 154 -1.60 -2.11 11.31
CA VAL A 154 -2.92 -1.69 11.71
C VAL A 154 -3.01 -0.17 11.68
N SER A 155 -4.10 0.39 11.15
CA SER A 155 -4.32 1.82 11.28
C SER A 155 -5.49 2.13 12.21
N PRO A 156 -5.31 3.08 13.15
CA PRO A 156 -4.06 3.80 13.37
C PRO A 156 -3.12 3.01 14.24
N THR A 157 -1.83 3.36 14.23
CA THR A 157 -1.00 2.90 15.34
C THR A 157 -0.24 4.08 15.94
N PHE A 158 0.02 4.00 17.24
CA PHE A 158 0.57 5.12 18.00
C PHE A 158 1.98 4.81 18.44
N MET A 159 2.88 5.76 18.34
CA MET A 159 4.25 5.59 18.86
C MET A 159 4.53 6.70 19.87
N ILE A 160 5.17 6.37 20.97
CA ILE A 160 5.68 7.38 21.89
C ILE A 160 7.20 7.24 21.92
N ASN A 161 7.91 8.32 21.60
CA ASN A 161 9.36 8.29 21.49
C ASN A 161 9.91 7.05 20.75
N GLY A 162 9.31 6.73 19.61
CA GLY A 162 9.88 5.74 18.71
C GLY A 162 9.48 4.32 19.03
N LEU A 163 8.73 4.13 20.11
CA LEU A 163 8.15 2.82 20.42
C LEU A 163 6.65 2.75 20.16
N VAL A 164 6.25 1.70 19.45
CA VAL A 164 4.84 1.42 19.18
C VAL A 164 4.14 1.10 20.50
N GLN A 165 2.89 1.56 20.65
CA GLN A 165 2.12 1.36 21.87
C GLN A 165 0.85 0.57 21.55
N PRO A 166 0.95 -0.77 21.63
CA PRO A 166 -0.21 -1.57 21.15
C PRO A 166 -1.46 -1.41 22.04
N GLY A 167 -1.28 -1.01 23.29
CA GLY A 167 -2.41 -0.67 24.15
C GLY A 167 -3.19 0.56 23.74
N MET A 168 -2.58 1.55 23.08
CA MET A 168 -3.35 2.78 22.76
C MET A 168 -4.35 2.52 21.65
N SER A 169 -5.45 3.26 21.67
CA SER A 169 -6.56 3.00 20.74
C SER A 169 -7.29 4.30 20.34
N SER A 170 -7.96 4.28 19.20
CA SER A 170 -8.70 5.46 18.70
C SER A 170 -9.95 5.73 19.52
N GLY A 171 -10.49 4.69 20.13
CA GLY A 171 -11.54 4.81 21.13
C GLY A 171 -11.11 5.46 22.44
N ASP A 172 -9.82 5.49 22.75
CA ASP A 172 -9.41 6.04 24.05
C ASP A 172 -9.91 7.48 24.26
N PRO A 173 -10.27 7.81 25.51
CA PRO A 173 -10.43 9.23 25.87
C PRO A 173 -9.07 9.91 25.72
N VAL A 174 -9.08 11.13 25.18
CA VAL A 174 -7.83 11.89 24.98
C VAL A 174 -7.02 11.97 26.28
N SER A 175 -7.72 12.02 27.41
CA SER A 175 -7.06 12.12 28.73
C SER A 175 -6.25 10.87 29.03
N LYS A 176 -6.65 9.72 28.48
CA LYS A 176 -5.81 8.51 28.57
C LYS A 176 -4.52 8.67 27.74
N TRP A 177 -4.64 9.17 26.50
CA TRP A 177 -3.46 9.48 25.69
C TRP A 177 -2.52 10.38 26.44
N VAL A 178 -3.06 11.39 27.13
CA VAL A 178 -2.22 12.36 27.85
C VAL A 178 -1.39 11.67 28.94
N SER A 179 -2.02 10.79 29.74
CA SER A 179 -1.24 10.04 30.76
C SER A 179 -0.30 9.02 30.14
N ASP A 180 -0.74 8.33 29.07
CA ASP A 180 0.11 7.38 28.33
C ASP A 180 1.36 8.10 27.85
N ILE A 181 1.19 9.28 27.24
CA ILE A 181 2.33 10.05 26.79
C ILE A 181 3.23 10.41 28.00
N GLY A 182 2.59 10.85 29.09
CA GLY A 182 3.29 11.13 30.34
C GLY A 182 3.55 12.61 30.51
N MET B 4 -5.16 -19.52 6.33
CA MET B 4 -4.06 -20.10 5.48
C MET B 4 -4.04 -19.57 4.02
N HIS B 5 -3.91 -18.24 3.90
CA HIS B 5 -3.63 -17.55 2.63
C HIS B 5 -2.15 -17.70 2.26
N SER B 6 -1.34 -18.09 3.25
CA SER B 6 0.10 -18.34 3.11
C SER B 6 0.50 -19.39 2.06
N ASP B 7 -0.49 -19.82 1.29
CA ASP B 7 -0.42 -21.10 0.59
C ASP B 7 -0.82 -21.02 -0.90
N ALA B 8 -1.63 -20.04 -1.27
CA ALA B 8 -2.25 -20.06 -2.59
C ALA B 8 -1.30 -19.72 -3.75
N LEU B 9 -0.13 -19.14 -3.48
CA LEU B 9 0.77 -18.84 -4.57
C LEU B 9 2.11 -19.58 -4.38
N SER B 10 2.01 -20.90 -4.33
CA SER B 10 3.15 -21.80 -4.16
C SER B 10 3.23 -22.79 -5.30
N TRP B 11 4.47 -23.08 -5.70
CA TRP B 11 4.73 -24.10 -6.68
C TRP B 11 5.90 -24.90 -6.14
N GLY B 12 5.84 -26.21 -6.32
CA GLY B 12 6.87 -27.08 -5.78
C GLY B 12 6.49 -27.49 -4.40
N HIS B 13 7.23 -28.43 -3.82
CA HIS B 13 6.90 -28.98 -2.52
C HIS B 13 8.19 -29.40 -1.81
N GLY B 14 9.33 -28.90 -2.30
CA GLY B 14 10.62 -29.29 -1.75
C GLY B 14 11.03 -28.49 -0.53
N PRO B 15 12.00 -28.99 0.25
CA PRO B 15 12.23 -28.37 1.56
C PRO B 15 12.95 -27.00 1.58
N ARG B 16 13.53 -26.55 0.48
CA ARG B 16 14.08 -25.18 0.44
C ARG B 16 13.00 -24.23 -0.08
N LEU B 17 12.74 -23.18 0.69
CA LEU B 17 11.67 -22.24 0.42
C LEU B 17 12.20 -20.92 -0.10
N PHE B 18 11.85 -20.62 -1.35
CA PHE B 18 12.20 -19.40 -2.04
C PHE B 18 10.94 -18.53 -2.01
N GLU B 19 11.00 -17.41 -1.30
CA GLU B 19 9.89 -16.45 -1.32
C GLU B 19 10.31 -15.20 -2.05
N VAL B 20 9.46 -14.75 -2.95
CA VAL B 20 9.67 -13.54 -3.74
C VAL B 20 8.51 -12.58 -3.51
N PHE B 21 8.82 -11.36 -3.04
CA PHE B 21 7.85 -10.27 -2.92
C PHE B 21 7.81 -9.46 -4.22
N LEU B 22 6.65 -9.43 -4.86
CA LEU B 22 6.48 -8.81 -6.17
C LEU B 22 5.46 -7.68 -6.18
N GLU B 23 5.79 -6.56 -6.82
CA GLU B 23 4.79 -5.55 -7.16
C GLU B 23 4.42 -5.79 -8.63
N PRO B 24 3.15 -6.17 -8.89
CA PRO B 24 2.72 -6.59 -10.24
C PRO B 24 3.06 -5.62 -11.40
N THR B 25 3.19 -4.32 -11.10
CA THR B 25 3.44 -3.32 -12.16
C THR B 25 4.83 -2.75 -12.05
N CYS B 26 5.69 -3.39 -11.27
CA CYS B 26 7.04 -2.92 -11.06
C CYS B 26 7.98 -3.61 -12.06
N PRO B 27 8.82 -2.82 -12.76
CA PRO B 27 9.61 -3.42 -13.85
C PRO B 27 10.65 -4.42 -13.37
N PHE B 28 11.25 -4.19 -12.20
CA PHE B 28 12.18 -5.16 -11.65
C PHE B 28 11.43 -6.39 -11.15
N SER B 29 10.26 -6.15 -10.55
CA SER B 29 9.41 -7.24 -10.12
C SER B 29 9.09 -8.15 -11.30
N VAL B 30 8.68 -7.54 -12.42
CA VAL B 30 8.33 -8.26 -13.65
C VAL B 30 9.49 -9.11 -14.19
N LYS B 31 10.70 -8.54 -14.15
CA LYS B 31 11.88 -9.23 -14.60
C LYS B 31 12.13 -10.51 -13.80
N ALA B 32 12.07 -10.40 -12.47
CA ALA B 32 12.19 -11.55 -11.59
C ALA B 32 11.06 -12.55 -11.81
N PHE B 33 9.84 -12.02 -11.94
CA PHE B 33 8.66 -12.85 -12.16
C PHE B 33 8.89 -13.78 -13.32
N PHE B 34 9.30 -13.25 -14.46
CA PHE B 34 9.48 -14.05 -15.68
C PHE B 34 10.62 -15.08 -15.59
N LYS B 35 11.46 -15.03 -14.56
CA LYS B 35 12.48 -16.02 -14.37
C LYS B 35 12.04 -17.20 -13.46
N LEU B 36 10.81 -17.17 -12.98
CA LEU B 36 10.44 -18.11 -11.91
C LEU B 36 10.25 -19.54 -12.43
N ASP B 37 9.59 -19.65 -13.59
CA ASP B 37 9.48 -20.93 -14.31
C ASP B 37 10.81 -21.65 -14.43
N ASP B 38 11.82 -20.95 -14.96
CA ASP B 38 13.13 -21.54 -15.13
C ASP B 38 13.72 -21.95 -13.82
N LEU B 39 13.59 -21.11 -12.80
CA LEU B 39 14.14 -21.46 -11.51
C LEU B 39 13.59 -22.82 -11.05
N LEU B 40 12.28 -22.96 -11.17
CA LEU B 40 11.61 -24.17 -10.72
C LEU B 40 12.06 -25.35 -11.57
N ALA B 41 12.09 -25.16 -12.90
CA ALA B 41 12.59 -26.17 -13.85
C ALA B 41 14.03 -26.62 -13.57
N GLN B 42 14.91 -25.70 -13.18
CA GLN B 42 16.29 -26.02 -12.81
C GLN B 42 16.38 -26.78 -11.50
N ALA B 43 15.77 -26.22 -10.46
CA ALA B 43 15.92 -26.75 -9.10
C ALA B 43 15.05 -28.00 -8.89
N GLY B 44 13.93 -28.08 -9.60
CA GLY B 44 13.02 -29.20 -9.43
C GLY B 44 12.05 -29.04 -8.28
N GLU B 45 10.79 -29.38 -8.57
CA GLU B 45 9.69 -29.30 -7.62
C GLU B 45 9.84 -30.16 -6.35
N ASP B 46 10.77 -31.12 -6.37
CA ASP B 46 11.02 -31.98 -5.23
C ASP B 46 12.07 -31.37 -4.30
N ASN B 47 12.69 -30.28 -4.75
CA ASN B 47 13.78 -29.66 -3.98
C ASN B 47 13.50 -28.27 -3.45
N VAL B 48 12.67 -27.51 -4.15
CA VAL B 48 12.27 -26.16 -3.75
C VAL B 48 10.75 -26.00 -3.75
N THR B 49 10.27 -25.15 -2.84
CA THR B 49 8.95 -24.57 -2.95
C THR B 49 9.19 -23.11 -3.28
N VAL B 50 8.52 -22.63 -4.31
CA VAL B 50 8.59 -21.23 -4.72
C VAL B 50 7.26 -20.54 -4.41
N ARG B 51 7.31 -19.48 -3.61
CA ARG B 51 6.11 -18.77 -3.17
C ARG B 51 6.13 -17.31 -3.61
N ILE B 52 5.09 -16.87 -4.32
CA ILE B 52 4.95 -15.44 -4.63
C ILE B 52 4.17 -14.70 -3.54
N ARG B 53 4.78 -13.65 -3.00
CA ARG B 53 4.14 -12.77 -2.03
C ARG B 53 3.87 -11.42 -2.70
N LEU B 54 2.65 -10.89 -2.57
CA LEU B 54 2.35 -9.62 -3.25
C LEU B 54 2.73 -8.38 -2.44
N GLN B 55 3.68 -7.60 -2.98
CA GLN B 55 4.16 -6.37 -2.36
C GLN B 55 3.52 -5.14 -3.02
N SER B 56 2.37 -4.70 -2.51
CA SER B 56 1.69 -3.53 -3.06
C SER B 56 2.41 -2.20 -2.73
N GLN B 57 2.75 -1.41 -3.75
CA GLN B 57 3.50 -0.17 -3.52
C GLN B 57 2.59 1.03 -3.68
N PRO B 58 2.38 1.82 -2.60
CA PRO B 58 1.43 2.93 -2.59
C PRO B 58 1.66 3.94 -3.72
N TRP B 59 2.91 4.11 -4.14
CA TRP B 59 3.23 5.02 -5.25
C TRP B 59 2.94 4.43 -6.64
N HIS B 60 2.46 3.17 -6.69
CA HIS B 60 1.88 2.56 -7.89
C HIS B 60 0.35 2.61 -7.74
N MET B 61 -0.26 3.67 -8.23
CA MET B 61 -1.60 4.04 -7.78
C MET B 61 -2.74 3.06 -8.08
N PHE B 62 -2.53 2.10 -8.98
CA PHE B 62 -3.55 1.08 -9.23
C PHE B 62 -3.21 -0.31 -8.67
N SER B 63 -2.11 -0.37 -7.92
CA SER B 63 -1.65 -1.59 -7.29
C SER B 63 -2.74 -2.31 -6.48
N GLY B 64 -3.45 -1.58 -5.63
CA GLY B 64 -4.53 -2.18 -4.83
C GLY B 64 -5.57 -2.89 -5.68
N VAL B 65 -5.95 -2.26 -6.79
CA VAL B 65 -6.89 -2.86 -7.73
C VAL B 65 -6.27 -4.11 -8.37
N ILE B 66 -5.09 -3.93 -8.97
CA ILE B 66 -4.41 -5.01 -9.66
C ILE B 66 -4.15 -6.19 -8.72
N VAL B 67 -3.56 -5.90 -7.55
CA VAL B 67 -3.38 -6.93 -6.53
C VAL B 67 -4.69 -7.64 -6.22
N ARG B 68 -5.78 -6.90 -6.06
CA ARG B 68 -7.07 -7.54 -5.73
C ARG B 68 -7.50 -8.51 -6.84
N CYS B 69 -7.25 -8.12 -8.10
CA CYS B 69 -7.53 -8.99 -9.24
C CYS B 69 -6.78 -10.31 -9.19
N ILE B 70 -5.46 -10.21 -9.06
CA ILE B 70 -4.63 -11.41 -8.91
C ILE B 70 -5.24 -12.34 -7.88
N LEU B 71 -5.62 -11.80 -6.72
CA LEU B 71 -6.11 -12.64 -5.66
C LEU B 71 -7.53 -13.15 -5.91
N ALA B 72 -8.32 -12.38 -6.67
CA ALA B 72 -9.63 -12.81 -7.14
C ALA B 72 -9.46 -14.00 -8.08
N ALA B 73 -8.50 -13.86 -9.01
CA ALA B 73 -8.17 -14.91 -9.97
C ALA B 73 -7.82 -16.23 -9.25
N ALA B 74 -7.12 -16.13 -8.13
CA ALA B 74 -6.72 -17.29 -7.33
C ALA B 74 -7.91 -18.05 -6.76
N THR B 75 -9.11 -17.45 -6.80
CA THR B 75 -10.28 -18.11 -6.21
C THR B 75 -11.08 -18.80 -7.28
N LEU B 76 -10.75 -18.49 -8.54
CA LEU B 76 -11.37 -19.14 -9.68
C LEU B 76 -10.93 -20.60 -9.74
N GLU B 77 -11.45 -21.32 -10.73
CA GLU B 77 -11.17 -22.74 -10.85
C GLU B 77 -9.69 -23.05 -11.15
N GLY B 78 -9.05 -22.23 -12.00
CA GLY B 78 -7.61 -22.36 -12.27
C GLY B 78 -6.70 -22.09 -11.07
N GLY B 79 -7.28 -21.54 -10.00
CA GLY B 79 -6.55 -21.24 -8.76
C GLY B 79 -5.28 -20.46 -9.03
N LYS B 80 -4.15 -20.96 -8.52
CA LYS B 80 -2.87 -20.26 -8.63
C LYS B 80 -2.38 -20.02 -10.06
N GLU B 81 -2.92 -20.78 -11.01
CA GLU B 81 -2.59 -20.61 -12.44
C GLU B 81 -3.37 -19.48 -13.07
N SER B 82 -4.62 -19.33 -12.65
CA SER B 82 -5.44 -18.16 -13.04
C SER B 82 -4.81 -16.90 -12.49
N ALA B 83 -4.30 -16.98 -11.26
CA ALA B 83 -3.59 -15.87 -10.65
C ALA B 83 -2.33 -15.52 -11.42
N LYS B 84 -1.59 -16.55 -11.85
CA LYS B 84 -0.39 -16.38 -12.69
C LYS B 84 -0.74 -15.76 -14.03
N ALA B 85 -1.81 -16.24 -14.64
CA ALA B 85 -2.31 -15.66 -15.87
C ALA B 85 -2.47 -14.13 -15.73
N VAL B 86 -3.24 -13.70 -14.73
CA VAL B 86 -3.40 -12.26 -14.42
C VAL B 86 -2.04 -11.53 -14.28
N MET B 87 -1.16 -12.04 -13.42
CA MET B 87 0.19 -11.46 -13.25
C MET B 87 0.94 -11.38 -14.59
N THR B 88 0.77 -12.39 -15.44
CA THR B 88 1.39 -12.42 -16.77
C THR B 88 0.77 -11.39 -17.71
N ALA B 89 -0.56 -11.29 -17.70
CA ALA B 89 -1.26 -10.28 -18.50
C ALA B 89 -0.82 -8.87 -18.14
N VAL B 90 -0.65 -8.60 -16.84
CA VAL B 90 -0.24 -7.29 -16.35
C VAL B 90 1.24 -7.05 -16.66
N ALA B 91 2.04 -8.08 -16.40
CA ALA B 91 3.48 -8.02 -16.62
C ALA B 91 3.87 -7.72 -18.07
N SER B 92 3.15 -8.35 -19.01
CA SER B 92 3.29 -8.17 -20.47
C SER B 92 2.91 -6.79 -20.94
N HIS B 93 2.01 -6.15 -20.20
CA HIS B 93 1.52 -4.82 -20.57
C HIS B 93 1.75 -3.84 -19.42
N ARG B 94 2.95 -3.86 -18.85
CA ARG B 94 3.21 -3.18 -17.59
C ARG B 94 2.84 -1.71 -17.59
N GLU B 95 3.47 -0.93 -18.47
CA GLU B 95 3.25 0.52 -18.55
C GLU B 95 1.78 0.91 -18.63
N GLU B 96 1.01 0.10 -19.33
CA GLU B 96 -0.43 0.28 -19.44
C GLU B 96 -1.22 0.13 -18.13
N PHE B 97 -0.54 -0.29 -17.06
CA PHE B 97 -1.18 -0.48 -15.76
C PHE B 97 -0.48 0.37 -14.69
N GLU B 98 0.28 1.36 -15.14
CA GLU B 98 1.01 2.27 -14.26
C GLU B 98 0.77 3.72 -14.71
N PHE B 99 1.54 4.66 -14.17
CA PHE B 99 1.38 6.10 -14.40
C PHE B 99 2.77 6.65 -14.67
N GLU B 100 2.85 7.59 -15.62
CA GLU B 100 4.11 8.21 -15.99
C GLU B 100 4.65 8.97 -14.78
N HIS B 101 5.89 8.65 -14.38
CA HIS B 101 6.52 9.19 -13.18
C HIS B 101 5.70 8.94 -11.90
N HIS B 102 4.92 7.87 -11.90
CA HIS B 102 3.99 7.58 -10.81
C HIS B 102 3.01 8.75 -10.58
N ALA B 103 2.79 9.58 -11.60
CA ALA B 103 1.99 10.79 -11.43
C ALA B 103 0.87 10.98 -12.45
N GLY B 104 1.17 10.83 -13.74
CA GLY B 104 0.20 11.19 -14.79
C GLY B 104 -0.12 10.14 -15.85
N GLY B 105 -0.42 10.62 -17.06
CA GLY B 105 -0.70 9.75 -18.18
C GLY B 105 -2.16 9.38 -18.20
N PRO B 106 -2.58 8.63 -19.24
CA PRO B 106 -3.96 8.23 -19.51
C PRO B 106 -4.67 7.63 -18.33
N ASN B 107 -3.94 7.01 -17.41
CA ASN B 107 -4.60 6.32 -16.31
C ASN B 107 -5.28 7.22 -15.26
N LEU B 108 -4.80 8.47 -15.14
CA LEU B 108 -5.53 9.51 -14.40
C LEU B 108 -7.02 9.54 -14.75
N ASP B 109 -7.33 9.06 -15.96
CA ASP B 109 -8.71 9.00 -16.46
C ASP B 109 -9.23 7.59 -16.61
N ALA B 110 -8.56 6.62 -15.99
CA ALA B 110 -9.08 5.23 -15.98
C ALA B 110 -9.73 4.93 -14.64
N THR B 111 -10.84 4.19 -14.67
CA THR B 111 -11.52 3.77 -13.43
C THR B 111 -11.07 2.37 -13.02
N PRO B 112 -11.38 1.95 -11.75
CA PRO B 112 -11.09 0.57 -11.39
C PRO B 112 -11.73 -0.41 -12.37
N ASN B 113 -13.04 -0.23 -12.64
CA ASN B 113 -13.79 -1.09 -13.56
C ASN B 113 -13.12 -1.18 -14.93
N ASP B 114 -12.49 -0.10 -15.36
CA ASP B 114 -11.66 -0.10 -16.56
C ASP B 114 -10.50 -1.07 -16.38
N ILE B 115 -9.70 -0.83 -15.33
CA ILE B 115 -8.55 -1.66 -15.01
C ILE B 115 -8.95 -3.14 -14.95
N ILE B 116 -10.07 -3.45 -14.28
CA ILE B 116 -10.56 -4.84 -14.22
C ILE B 116 -10.83 -5.41 -15.62
N ALA B 117 -11.59 -4.67 -16.43
CA ALA B 117 -11.93 -5.04 -17.80
C ALA B 117 -10.68 -5.30 -18.63
N ARG B 118 -9.76 -4.33 -18.57
CA ARG B 118 -8.46 -4.43 -19.21
C ARG B 118 -7.69 -5.72 -18.80
N ILE B 119 -7.69 -6.08 -17.51
CA ILE B 119 -7.05 -7.31 -17.05
C ILE B 119 -7.79 -8.48 -17.69
N GLU B 120 -9.12 -8.38 -17.74
CA GLU B 120 -9.97 -9.45 -18.23
C GLU B 120 -9.69 -9.73 -19.71
N ARG B 121 -9.66 -8.67 -20.51
CA ARG B 121 -9.24 -8.77 -21.90
C ARG B 121 -7.93 -9.55 -22.00
N TYR B 122 -6.84 -8.99 -21.47
CA TYR B 122 -5.52 -9.60 -21.59
C TYR B 122 -5.38 -11.00 -21.03
N SER B 123 -6.17 -11.35 -20.02
CA SER B 123 -5.99 -12.64 -19.36
C SER B 123 -6.98 -13.69 -19.87
N GLY B 124 -8.05 -13.22 -20.50
CA GLY B 124 -9.12 -14.09 -20.95
C GLY B 124 -9.99 -14.58 -19.81
N LEU B 125 -9.82 -13.97 -18.64
CA LEU B 125 -10.55 -14.40 -17.44
C LEU B 125 -11.67 -13.46 -17.04
N ALA B 126 -12.69 -14.03 -16.39
CA ALA B 126 -13.83 -13.27 -15.86
C ALA B 126 -13.59 -12.94 -14.38
N LEU B 127 -13.33 -11.67 -14.07
CA LEU B 127 -12.89 -11.28 -12.71
C LEU B 127 -13.90 -10.51 -11.85
N ALA B 128 -14.75 -9.71 -12.49
CA ALA B 128 -15.65 -8.79 -11.78
C ALA B 128 -16.46 -9.44 -10.66
N GLU B 129 -16.92 -10.67 -10.86
CA GLU B 129 -17.72 -11.29 -9.83
C GLU B 129 -16.88 -11.73 -8.63
N ALA B 130 -15.73 -12.38 -8.93
CA ALA B 130 -14.75 -12.77 -7.90
C ALA B 130 -14.22 -11.56 -7.11
N PHE B 131 -13.83 -10.50 -7.84
CA PHE B 131 -13.42 -9.21 -7.28
C PHE B 131 -14.42 -8.69 -6.23
N ALA B 132 -15.72 -8.85 -6.53
CA ALA B 132 -16.80 -8.35 -5.68
C ALA B 132 -16.95 -9.09 -4.36
N ASN B 133 -16.25 -10.21 -4.20
CA ASN B 133 -16.39 -11.03 -3.01
C ASN B 133 -15.73 -10.38 -1.77
N PRO B 134 -16.52 -10.17 -0.69
CA PRO B 134 -16.02 -9.47 0.49
C PRO B 134 -14.97 -10.22 1.29
N GLU B 135 -14.93 -11.54 1.17
CA GLU B 135 -13.90 -12.32 1.88
C GLU B 135 -12.52 -11.98 1.35
N LEU B 136 -12.46 -11.49 0.11
CA LEU B 136 -11.25 -11.27 -0.63
C LEU B 136 -10.28 -10.25 0.02
N GLU B 137 -10.82 -9.32 0.81
CA GLU B 137 -9.99 -8.37 1.59
C GLU B 137 -8.98 -9.05 2.53
N HIS B 138 -9.33 -10.24 3.02
CA HIS B 138 -8.47 -10.94 3.97
C HIS B 138 -7.20 -11.48 3.30
N ALA B 139 -7.29 -11.82 2.01
CA ALA B 139 -6.11 -12.24 1.28
C ALA B 139 -5.18 -11.04 1.03
N VAL B 140 -5.76 -9.92 0.61
CA VAL B 140 -4.98 -8.67 0.46
C VAL B 140 -4.32 -8.31 1.79
N LYS B 141 -5.05 -8.45 2.90
CA LYS B 141 -4.50 -8.12 4.23
C LYS B 141 -3.38 -9.06 4.62
N TRP B 142 -3.54 -10.36 4.34
CA TRP B 142 -2.54 -11.34 4.72
C TRP B 142 -1.16 -11.01 4.08
N HIS B 143 -1.16 -10.75 2.77
CA HIS B 143 0.08 -10.44 2.05
C HIS B 143 0.76 -9.21 2.62
N THR B 144 -0.05 -8.17 2.84
CA THR B 144 0.47 -6.89 3.34
C THR B 144 1.03 -7.06 4.75
N LYS B 145 0.28 -7.74 5.59
CA LYS B 145 0.67 -7.91 6.98
C LYS B 145 1.98 -8.73 7.03
N TYR B 146 2.10 -9.70 6.14
CA TYR B 146 3.24 -10.57 6.13
C TYR B 146 4.46 -9.81 5.61
N ALA B 147 4.28 -9.08 4.51
CA ALA B 147 5.32 -8.19 4.00
C ALA B 147 5.81 -7.24 5.13
N ARG B 148 4.86 -6.58 5.80
CA ARG B 148 5.21 -5.60 6.83
C ARG B 148 5.92 -6.19 8.05
N GLN B 149 5.49 -7.36 8.49
CA GLN B 149 6.16 -8.00 9.61
C GLN B 149 7.63 -8.29 9.23
N ASN B 150 7.88 -8.55 7.95
CA ASN B 150 9.22 -8.89 7.49
C ASN B 150 10.06 -7.69 7.03
N GLY B 151 9.46 -6.50 7.08
CA GLY B 151 10.14 -5.24 6.79
C GLY B 151 10.41 -5.06 5.31
N ILE B 152 9.60 -5.73 4.48
CA ILE B 152 9.81 -5.63 3.04
C ILE B 152 9.45 -4.23 2.49
N HIS B 153 10.40 -3.60 1.81
CA HIS B 153 10.10 -2.34 1.15
C HIS B 153 10.29 -2.42 -0.36
N VAL B 154 11.53 -2.68 -0.76
CA VAL B 154 11.89 -2.77 -2.17
C VAL B 154 11.22 -3.96 -2.84
N SER B 155 10.69 -3.74 -4.05
CA SER B 155 10.27 -4.84 -4.90
C SER B 155 11.27 -5.02 -6.06
N PRO B 156 11.68 -6.27 -6.35
CA PRO B 156 11.37 -7.50 -5.62
C PRO B 156 12.27 -7.62 -4.41
N THR B 157 11.87 -8.44 -3.43
CA THR B 157 12.74 -8.84 -2.32
C THR B 157 12.65 -10.36 -2.25
N PHE B 158 13.80 -10.98 -1.97
CA PHE B 158 13.97 -12.43 -1.98
C PHE B 158 14.24 -12.92 -0.59
N MET B 159 13.53 -13.96 -0.17
CA MET B 159 13.84 -14.63 1.10
C MET B 159 14.12 -16.09 0.77
N ILE B 160 15.05 -16.67 1.52
CA ILE B 160 15.30 -18.08 1.44
C ILE B 160 15.17 -18.60 2.86
N ASN B 161 14.28 -19.57 3.04
CA ASN B 161 13.99 -20.09 4.38
C ASN B 161 13.74 -19.02 5.45
N GLY B 162 13.02 -17.97 5.06
CA GLY B 162 12.59 -16.94 5.97
C GLY B 162 13.53 -15.78 6.19
N LEU B 163 14.74 -15.85 5.63
CA LEU B 163 15.66 -14.68 5.70
C LEU B 163 15.75 -13.92 4.39
N VAL B 164 15.63 -12.60 4.49
CA VAL B 164 15.82 -11.70 3.37
C VAL B 164 17.26 -11.86 2.86
N GLN B 165 17.39 -11.90 1.55
CA GLN B 165 18.68 -12.05 0.91
C GLN B 165 18.97 -10.78 0.13
N PRO B 166 19.69 -9.83 0.77
CA PRO B 166 19.96 -8.50 0.16
C PRO B 166 20.77 -8.62 -1.13
N GLY B 167 21.66 -9.60 -1.19
CA GLY B 167 22.47 -9.81 -2.39
C GLY B 167 21.79 -10.37 -3.64
N MET B 168 20.54 -10.84 -3.55
CA MET B 168 19.89 -11.39 -4.73
C MET B 168 19.23 -10.29 -5.55
N SER B 169 19.31 -10.42 -6.87
CA SER B 169 18.75 -9.38 -7.74
C SER B 169 17.90 -9.99 -8.85
N SER B 170 16.94 -9.21 -9.32
CA SER B 170 16.10 -9.61 -10.45
C SER B 170 16.93 -9.69 -11.74
N GLY B 171 18.16 -9.21 -11.66
CA GLY B 171 19.09 -9.25 -12.79
C GLY B 171 19.95 -10.49 -12.84
N ASP B 172 19.93 -11.31 -11.79
CA ASP B 172 20.76 -12.50 -11.73
C ASP B 172 20.42 -13.52 -12.81
N PRO B 173 21.40 -14.35 -13.19
CA PRO B 173 21.03 -15.52 -13.98
C PRO B 173 20.34 -16.54 -13.08
N VAL B 174 19.33 -17.23 -13.63
CA VAL B 174 18.68 -18.29 -12.90
C VAL B 174 19.69 -19.21 -12.16
N SER B 175 20.82 -19.50 -12.80
CA SER B 175 21.82 -20.38 -12.23
C SER B 175 22.40 -19.84 -10.92
N LYS B 176 22.47 -18.52 -10.76
CA LYS B 176 22.91 -17.95 -9.49
C LYS B 176 21.85 -18.18 -8.38
N TRP B 177 20.58 -17.96 -8.73
CA TRP B 177 19.48 -18.23 -7.80
C TRP B 177 19.56 -19.67 -7.32
N VAL B 178 19.81 -20.58 -8.27
CA VAL B 178 19.95 -22.02 -7.99
C VAL B 178 21.04 -22.31 -6.96
N SER B 179 22.22 -21.73 -7.11
CA SER B 179 23.23 -21.96 -6.07
C SER B 179 22.97 -21.17 -4.79
N ASP B 180 22.31 -20.02 -4.91
CA ASP B 180 21.86 -19.23 -3.74
C ASP B 180 20.93 -20.06 -2.87
N ILE B 181 19.95 -20.69 -3.51
CA ILE B 181 18.98 -21.51 -2.80
C ILE B 181 19.63 -22.74 -2.15
N GLY B 182 20.71 -23.23 -2.76
CA GLY B 182 21.61 -24.23 -2.15
C GLY B 182 21.04 -25.64 -2.03
S SO4 C . -8.02 1.22 17.21
O1 SO4 C . -8.26 0.22 18.25
O2 SO4 C . -6.95 0.81 16.29
O3 SO4 C . -9.24 1.48 16.44
O4 SO4 C . -7.61 2.45 17.85
C1 GOL D . 2.29 -2.22 15.14
O1 GOL D . 3.32 -3.14 15.37
C2 GOL D . 1.56 -2.68 13.89
O2 GOL D . 0.73 -1.63 13.43
C3 GOL D . 0.81 -3.97 14.21
O3 GOL D . -0.36 -4.06 13.42
C1 GOL E . 14.88 -5.41 2.54
O1 GOL E . 14.59 -5.82 3.86
C2 GOL E . 13.72 -4.55 2.05
O2 GOL E . 12.81 -5.34 1.29
C3 GOL E . 14.29 -3.46 1.15
O3 GOL E . 13.82 -2.20 1.54
#